data_1VKC
#
_entry.id   1VKC
#
_cell.length_a   46.919
_cell.length_b   67.387
_cell.length_c   49.414
_cell.angle_alpha   90.00
_cell.angle_beta   91.55
_cell.angle_gamma   90.00
#
_symmetry.space_group_name_H-M   'P 1 21 1'
#
loop_
_entity.id
_entity.type
_entity.pdbx_description
1 polymer 'putative acetyl transferase'
2 non-polymer 'IODIDE ION'
3 water water
#
_entity_poly.entity_id   1
_entity_poly.type   'polypeptide(L)'
_entity_poly.pdbx_seq_one_letter_code
;AHHHHHHGSEYTIVDGEEYIEEIKKLDREISYSFVRFPISYEEYEERHEELFESLLSQGEHKFFVALNERSELLGHVWIC
ITLDTVDYVKIAYIYDIEVVKWARGLGIGSALLRKAEEWAKERGAKKIVLRVEIDNPAVKWYEERGYKARALIMEKPI
;
_entity_poly.pdbx_strand_id   A,B
#
loop_
_chem_comp.id
_chem_comp.type
_chem_comp.name
_chem_comp.formula
IOD non-polymer 'IODIDE ION' 'I -1'
#
# COMPACT_ATOMS: atom_id res chain seq x y z
N GLU A 10 5.88 -16.48 -20.89
CA GLU A 10 6.01 -15.91 -19.51
C GLU A 10 4.63 -15.63 -18.86
N TYR A 11 3.69 -15.07 -19.64
CA TYR A 11 2.37 -14.72 -19.10
C TYR A 11 1.23 -14.90 -20.12
N THR A 12 0.02 -15.06 -19.59
CA THR A 12 -1.19 -15.20 -20.39
C THR A 12 -2.20 -14.15 -19.97
N ILE A 13 -3.09 -13.78 -20.88
CA ILE A 13 -4.20 -12.87 -20.60
C ILE A 13 -5.49 -13.63 -20.76
N VAL A 14 -6.29 -13.64 -19.69
CA VAL A 14 -7.54 -14.41 -19.62
C VAL A 14 -8.58 -13.55 -18.96
N ASP A 15 -9.84 -13.97 -19.02
CA ASP A 15 -10.90 -13.29 -18.26
C ASP A 15 -10.58 -13.32 -16.77
N GLY A 16 -10.91 -12.24 -16.09
CA GLY A 16 -10.48 -12.03 -14.73
C GLY A 16 -11.59 -12.04 -13.72
N GLU A 17 -12.77 -12.56 -14.08
CA GLU A 17 -13.90 -12.62 -13.14
C GLU A 17 -13.51 -13.31 -11.85
N GLU A 18 -12.78 -14.42 -11.98
CA GLU A 18 -12.34 -15.20 -10.80
C GLU A 18 -11.33 -14.48 -9.90
N TYR A 19 -10.74 -13.40 -10.40
CA TYR A 19 -9.67 -12.67 -9.69
C TYR A 19 -10.10 -11.32 -9.14
N ILE A 20 -11.40 -11.05 -9.07
CA ILE A 20 -11.88 -9.70 -8.66
C ILE A 20 -11.38 -9.32 -7.25
N GLU A 21 -11.41 -10.25 -6.32
CA GLU A 21 -10.95 -9.94 -4.96
C GLU A 21 -9.47 -9.53 -4.97
N GLU A 22 -8.64 -10.26 -5.72
CA GLU A 22 -7.19 -9.95 -5.80
C GLU A 22 -6.94 -8.63 -6.52
N ILE A 23 -7.72 -8.37 -7.57
CA ILE A 23 -7.68 -7.08 -8.28
C ILE A 23 -8.03 -5.94 -7.33
N LYS A 24 -9.13 -6.10 -6.61
CA LYS A 24 -9.58 -5.09 -5.65
C LYS A 24 -8.44 -4.74 -4.64
N LYS A 25 -7.77 -5.77 -4.11
CA LYS A 25 -6.71 -5.54 -3.11
C LYS A 25 -5.46 -4.89 -3.69
N LEU A 26 -5.11 -5.26 -4.91
CA LEU A 26 -3.98 -4.64 -5.57
C LEU A 26 -4.27 -3.16 -5.89
N ASP A 27 -5.47 -2.90 -6.39
CA ASP A 27 -5.90 -1.53 -6.64
C ASP A 27 -5.95 -0.71 -5.34
N ARG A 28 -6.40 -1.30 -4.25
CA ARG A 28 -6.37 -0.64 -2.94
C ARG A 28 -4.95 -0.23 -2.57
N GLU A 29 -4.02 -1.15 -2.74
CA GLU A 29 -2.60 -0.89 -2.42
C GLU A 29 -2.01 0.19 -3.32
N ILE A 30 -2.19 0.03 -4.62
CA ILE A 30 -1.67 0.98 -5.59
C ILE A 30 -2.26 2.39 -5.41
N SER A 31 -3.59 2.47 -5.36
CA SER A 31 -4.30 3.77 -5.38
C SER A 31 -3.96 4.66 -4.20
N TYR A 32 -3.56 4.04 -3.09
CA TYR A 32 -3.34 4.80 -1.86
C TYR A 32 -2.22 5.84 -1.99
N SER A 33 -1.26 5.60 -2.88
CA SER A 33 -0.16 6.55 -3.07
C SER A 33 -0.63 7.91 -3.58
N PHE A 34 -1.75 7.93 -4.31
CA PHE A 34 -2.21 9.14 -4.98
C PHE A 34 -3.23 9.96 -4.18
N VAL A 35 -3.63 9.47 -3.01
CA VAL A 35 -4.60 10.17 -2.17
C VAL A 35 -3.96 11.46 -1.61
N ARG A 36 -4.58 12.61 -1.90
CA ARG A 36 -4.02 13.93 -1.55
C ARG A 36 -4.64 14.56 -0.29
N PHE A 37 -5.56 13.85 0.37
CA PHE A 37 -6.22 14.38 1.58
C PHE A 37 -5.81 13.62 2.82
N PRO A 38 -5.70 14.31 3.95
CA PRO A 38 -5.23 13.70 5.19
C PRO A 38 -6.27 12.80 5.87
N ILE A 39 -6.48 11.62 5.28
CA ILE A 39 -7.40 10.63 5.80
C ILE A 39 -6.62 9.46 6.41
N SER A 40 -7.22 8.76 7.38
CA SER A 40 -6.58 7.57 7.98
C SER A 40 -6.58 6.41 6.97
N TYR A 41 -5.67 5.48 7.13
CA TYR A 41 -5.65 4.34 6.24
C TYR A 41 -6.94 3.51 6.41
N GLU A 42 -7.44 3.41 7.62
CA GLU A 42 -8.70 2.72 7.87
C GLU A 42 -9.88 3.40 7.13
N GLU A 43 -9.92 4.74 7.18
CA GLU A 43 -10.89 5.53 6.39
C GLU A 43 -10.73 5.23 4.89
N TYR A 44 -9.49 5.28 4.40
CA TYR A 44 -9.21 5.02 2.99
C TYR A 44 -9.74 3.64 2.58
N GLU A 45 -9.36 2.62 3.34
CA GLU A 45 -9.80 1.25 3.08
C GLU A 45 -11.32 1.10 2.94
N GLU A 46 -12.07 1.71 3.87
CA GLU A 46 -13.55 1.58 3.87
C GLU A 46 -14.18 2.26 2.65
N ARG A 47 -13.67 3.45 2.33
CA ARG A 47 -14.12 4.23 1.16
C ARG A 47 -13.73 3.57 -0.15
N HIS A 48 -12.51 3.05 -0.22
CA HIS A 48 -12.09 2.24 -1.37
C HIS A 48 -13.02 1.04 -1.59
N GLU A 49 -13.41 0.34 -0.52
CA GLU A 49 -14.31 -0.79 -0.65
C GLU A 49 -15.68 -0.32 -1.14
N GLU A 50 -16.23 0.71 -0.50
CA GLU A 50 -17.51 1.29 -0.88
C GLU A 50 -17.56 1.67 -2.38
N LEU A 51 -16.59 2.46 -2.80
CA LEU A 51 -16.53 2.92 -4.19
C LEU A 51 -16.39 1.76 -5.17
N PHE A 52 -15.52 0.81 -4.85
CA PHE A 52 -15.29 -0.36 -5.73
C PHE A 52 -16.59 -1.11 -5.97
N GLU A 53 -17.32 -1.34 -4.87
CA GLU A 53 -18.60 -2.03 -4.94
C GLU A 53 -19.65 -1.25 -5.74
N SER A 54 -19.74 0.07 -5.55
CA SER A 54 -20.76 0.86 -6.25
C SER A 54 -20.50 0.95 -7.76
N LEU A 55 -19.22 1.02 -8.15
CA LEU A 55 -18.88 1.02 -9.57
C LEU A 55 -19.17 -0.34 -10.19
N LEU A 56 -18.84 -1.39 -9.44
CA LEU A 56 -19.06 -2.76 -9.89
C LEU A 56 -20.56 -3.14 -9.97
N SER A 57 -21.40 -2.40 -9.25
CA SER A 57 -22.84 -2.67 -9.22
C SER A 57 -23.56 -2.14 -10.46
N GLN A 58 -23.09 -1.02 -11.02
CA GLN A 58 -23.73 -0.37 -12.15
C GLN A 58 -23.05 -0.69 -13.50
N GLY A 59 -23.81 -1.24 -14.44
CA GLY A 59 -23.35 -1.44 -15.82
C GLY A 59 -22.82 -2.84 -16.12
N GLU A 60 -22.28 -3.00 -17.32
CA GLU A 60 -21.72 -4.26 -17.81
C GLU A 60 -20.20 -4.20 -17.69
N HIS A 61 -19.63 -4.98 -16.77
CA HIS A 61 -18.19 -4.93 -16.47
C HIS A 61 -17.43 -6.11 -17.07
N LYS A 62 -16.18 -5.89 -17.44
CA LYS A 62 -15.29 -6.93 -17.92
C LYS A 62 -13.90 -6.71 -17.35
N PHE A 63 -13.31 -7.77 -16.85
CA PHE A 63 -11.94 -7.75 -16.39
C PHE A 63 -11.12 -8.68 -17.23
N PHE A 64 -9.92 -8.24 -17.60
CA PHE A 64 -8.87 -9.16 -18.09
C PHE A 64 -7.70 -9.13 -17.11
N VAL A 65 -7.08 -10.28 -16.89
CA VAL A 65 -5.89 -10.33 -16.07
C VAL A 65 -4.71 -10.93 -16.82
N ALA A 66 -3.51 -10.48 -16.45
CA ALA A 66 -2.26 -11.06 -16.92
C ALA A 66 -1.77 -11.97 -15.81
N LEU A 67 -1.53 -13.24 -16.13
CA LEU A 67 -1.14 -14.25 -15.12
C LEU A 67 0.20 -14.85 -15.50
N ASN A 68 1.13 -14.94 -14.55
CA ASN A 68 2.40 -15.63 -14.82
C ASN A 68 2.22 -17.15 -14.76
N GLU A 69 3.32 -17.89 -14.94
CA GLU A 69 3.28 -19.37 -15.02
C GLU A 69 2.73 -20.03 -13.76
N ARG A 70 2.90 -19.36 -12.62
CA ARG A 70 2.33 -19.82 -11.34
C ARG A 70 0.91 -19.29 -11.10
N SER A 71 0.29 -18.77 -12.17
CA SER A 71 -1.03 -18.14 -12.12
C SER A 71 -1.10 -16.99 -11.10
N GLU A 72 0.00 -16.27 -10.94
CA GLU A 72 0.04 -15.09 -10.10
C GLU A 72 -0.40 -13.88 -10.92
N LEU A 73 -1.12 -12.98 -10.29
CA LEU A 73 -1.63 -11.76 -10.93
C LEU A 73 -0.48 -10.79 -11.22
N LEU A 74 -0.24 -10.55 -12.50
CA LEU A 74 0.73 -9.54 -12.98
C LEU A 74 0.09 -8.18 -13.25
N GLY A 75 -1.20 -8.16 -13.55
CA GLY A 75 -1.87 -6.92 -13.86
C GLY A 75 -3.28 -7.15 -14.36
N HIS A 76 -4.03 -6.08 -14.52
CA HIS A 76 -5.42 -6.23 -14.99
C HIS A 76 -5.87 -4.98 -15.71
N VAL A 77 -6.97 -5.14 -16.45
CA VAL A 77 -7.72 -4.01 -16.97
C VAL A 77 -9.20 -4.20 -16.60
N TRP A 78 -9.83 -3.09 -16.19
CA TRP A 78 -11.25 -3.10 -15.81
C TRP A 78 -12.00 -2.25 -16.84
N ILE A 79 -12.93 -2.89 -17.56
CA ILE A 79 -13.72 -2.25 -18.61
C ILE A 79 -15.18 -2.19 -18.21
N CYS A 80 -15.81 -1.05 -18.51
CA CYS A 80 -17.24 -0.84 -18.35
C CYS A 80 -17.87 -0.37 -19.66
N ILE A 81 -18.85 -1.12 -20.17
CA ILE A 81 -19.62 -0.71 -21.35
C ILE A 81 -20.73 0.22 -20.91
N THR A 82 -20.75 1.42 -21.47
CA THR A 82 -21.74 2.42 -21.08
C THR A 82 -22.02 3.35 -22.24
N LEU A 83 -22.76 4.44 -21.99
CA LEU A 83 -23.05 5.44 -23.03
C LEU A 83 -22.25 6.70 -22.84
N ASP A 84 -21.83 7.30 -23.95
CA ASP A 84 -21.06 8.53 -23.93
C ASP A 84 -21.97 9.71 -23.57
N THR A 85 -21.54 10.53 -22.62
CA THR A 85 -22.38 11.65 -22.13
C THR A 85 -22.48 12.81 -23.11
N VAL A 86 -21.66 12.80 -24.17
CA VAL A 86 -21.70 13.87 -25.17
C VAL A 86 -22.24 13.38 -26.51
N ASP A 87 -21.79 12.19 -26.94
CA ASP A 87 -22.14 11.61 -28.25
C ASP A 87 -23.24 10.56 -28.21
N TYR A 88 -23.60 10.09 -27.02
CA TYR A 88 -24.71 9.12 -26.83
C TYR A 88 -24.55 7.85 -27.70
N VAL A 89 -23.32 7.33 -27.75
CA VAL A 89 -23.03 6.08 -28.43
C VAL A 89 -22.44 5.16 -27.38
N LYS A 90 -22.51 3.88 -27.64
CA LYS A 90 -21.92 2.90 -26.73
C LYS A 90 -20.42 3.14 -26.71
N ILE A 91 -19.84 3.10 -25.51
CA ILE A 91 -18.39 3.21 -25.33
C ILE A 91 -17.93 2.20 -24.31
N ALA A 92 -16.64 1.94 -24.29
CA ALA A 92 -16.03 1.16 -23.23
C ALA A 92 -15.25 2.15 -22.40
N TYR A 93 -15.58 2.26 -21.12
CA TYR A 93 -14.82 3.08 -20.21
C TYR A 93 -13.85 2.18 -19.42
N ILE A 94 -12.58 2.56 -19.40
CA ILE A 94 -11.56 1.82 -18.67
C ILE A 94 -11.39 2.48 -17.32
N TYR A 95 -11.85 1.81 -16.29
CA TYR A 95 -11.71 2.30 -14.93
C TYR A 95 -10.27 2.25 -14.50
N ASP A 96 -9.60 1.18 -14.90
CA ASP A 96 -8.30 0.89 -14.39
C ASP A 96 -7.49 0.03 -15.33
N ILE A 97 -6.19 0.29 -15.38
CA ILE A 97 -5.21 -0.62 -15.92
C ILE A 97 -3.96 -0.52 -15.03
N GLU A 98 -3.56 -1.65 -14.46
CA GLU A 98 -2.52 -1.71 -13.43
C GLU A 98 -1.63 -2.91 -13.71
N VAL A 99 -0.32 -2.70 -13.61
CA VAL A 99 0.65 -3.81 -13.72
C VAL A 99 1.53 -3.76 -12.46
N VAL A 100 1.82 -4.92 -11.87
CA VAL A 100 2.61 -4.96 -10.64
C VAL A 100 4.02 -4.46 -10.91
N LYS A 101 4.62 -3.82 -9.92
CA LYS A 101 5.87 -3.07 -10.11
C LYS A 101 7.00 -3.90 -10.71
N TRP A 102 7.13 -5.16 -10.29
CA TRP A 102 8.22 -6.00 -10.81
C TRP A 102 7.94 -6.63 -12.18
N ALA A 103 6.73 -6.46 -12.70
CA ALA A 103 6.39 -6.99 -14.04
C ALA A 103 6.30 -5.88 -15.10
N ARG A 104 6.66 -4.66 -14.72
CA ARG A 104 6.63 -3.53 -15.64
C ARG A 104 7.80 -3.63 -16.63
N GLY A 105 7.56 -3.20 -17.87
CA GLY A 105 8.60 -3.24 -18.92
C GLY A 105 8.62 -4.52 -19.74
N LEU A 106 7.53 -5.29 -19.68
CA LEU A 106 7.36 -6.49 -20.51
C LEU A 106 6.19 -6.34 -21.52
N GLY A 107 5.71 -5.12 -21.68
CA GLY A 107 4.56 -4.84 -22.56
C GLY A 107 3.23 -5.39 -22.09
N ILE A 108 3.12 -5.70 -20.80
CA ILE A 108 1.90 -6.33 -20.27
C ILE A 108 0.74 -5.34 -20.27
N GLY A 109 1.02 -4.10 -19.83
CA GLY A 109 0.04 -3.00 -19.86
C GLY A 109 -0.44 -2.74 -21.27
N SER A 110 0.50 -2.73 -22.19
CA SER A 110 0.19 -2.55 -23.60
C SER A 110 -0.72 -3.66 -24.11
N ALA A 111 -0.41 -4.91 -23.74
CA ALA A 111 -1.18 -6.07 -24.16
C ALA A 111 -2.60 -6.10 -23.55
N LEU A 112 -2.71 -5.70 -22.28
CA LEU A 112 -3.99 -5.64 -21.58
C LEU A 112 -4.91 -4.65 -22.28
N LEU A 113 -4.38 -3.49 -22.62
CA LEU A 113 -5.15 -2.47 -23.34
C LEU A 113 -5.60 -2.94 -24.74
N ARG A 114 -4.73 -3.62 -25.46
CA ARG A 114 -5.12 -4.19 -26.76
C ARG A 114 -6.28 -5.15 -26.59
N LYS A 115 -6.21 -5.99 -25.56
CA LYS A 115 -7.30 -6.97 -25.30
C LYS A 115 -8.62 -6.26 -24.99
N ALA A 116 -8.55 -5.22 -24.16
CA ALA A 116 -9.68 -4.39 -23.82
C ALA A 116 -10.30 -3.72 -25.06
N GLU A 117 -9.46 -3.13 -25.90
CA GLU A 117 -9.91 -2.53 -27.16
C GLU A 117 -10.59 -3.55 -28.07
N GLU A 118 -10.00 -4.74 -28.14
CA GLU A 118 -10.56 -5.83 -28.93
C GLU A 118 -11.95 -6.25 -28.40
N TRP A 119 -12.08 -6.40 -27.08
CA TRP A 119 -13.33 -6.78 -26.47
C TRP A 119 -14.39 -5.69 -26.62
N ALA A 120 -13.99 -4.44 -26.41
CA ALA A 120 -14.88 -3.30 -26.62
C ALA A 120 -15.50 -3.33 -28.04
N LYS A 121 -14.67 -3.56 -29.05
CA LYS A 121 -15.12 -3.65 -30.43
C LYS A 121 -16.18 -4.76 -30.59
N GLU A 122 -15.92 -5.93 -30.00
CA GLU A 122 -16.87 -7.09 -30.03
C GLU A 122 -18.22 -6.73 -29.48
N ARG A 123 -18.23 -5.87 -28.45
CA ARG A 123 -19.48 -5.46 -27.79
C ARG A 123 -20.20 -4.36 -28.54
N GLY A 124 -19.59 -3.82 -29.59
CA GLY A 124 -20.21 -2.74 -30.36
C GLY A 124 -19.88 -1.35 -29.87
N ALA A 125 -18.87 -1.21 -29.02
CA ALA A 125 -18.45 0.15 -28.57
C ALA A 125 -17.86 0.92 -29.75
N LYS A 126 -18.06 2.25 -29.75
CA LYS A 126 -17.53 3.17 -30.80
C LYS A 126 -16.29 3.93 -30.34
N LYS A 127 -16.01 3.89 -29.05
CA LYS A 127 -14.84 4.51 -28.48
C LYS A 127 -14.43 3.75 -27.24
N ILE A 128 -13.13 3.86 -26.94
CA ILE A 128 -12.59 3.59 -25.59
C ILE A 128 -12.35 4.95 -24.96
N VAL A 129 -12.79 5.08 -23.71
CA VAL A 129 -12.66 6.34 -22.96
C VAL A 129 -12.00 6.03 -21.64
N LEU A 130 -11.11 6.90 -21.20
CA LEU A 130 -10.55 6.76 -19.84
C LEU A 130 -10.07 8.11 -19.30
N ARG A 131 -9.83 8.14 -18.00
CA ARG A 131 -9.37 9.32 -17.32
C ARG A 131 -7.90 9.14 -17.04
N VAL A 132 -7.10 10.16 -17.34
CA VAL A 132 -5.68 10.19 -17.00
C VAL A 132 -5.35 11.48 -16.27
N GLU A 133 -4.57 11.39 -15.21
CA GLU A 133 -4.22 12.58 -14.45
C GLU A 133 -3.30 13.47 -15.26
N ILE A 134 -3.47 14.77 -15.10
CA ILE A 134 -3.03 15.75 -16.10
C ILE A 134 -1.50 15.90 -16.26
N ASP A 135 -0.75 15.68 -15.18
CA ASP A 135 0.71 15.74 -15.27
C ASP A 135 1.34 14.34 -15.18
N ASN A 136 0.49 13.31 -15.25
CA ASN A 136 0.94 11.93 -15.30
C ASN A 136 1.68 11.72 -16.63
N PRO A 137 2.87 11.11 -16.59
CA PRO A 137 3.58 10.72 -17.81
C PRO A 137 2.79 9.74 -18.71
N ALA A 138 1.85 9.01 -18.13
CA ALA A 138 0.97 8.11 -18.90
C ALA A 138 0.19 8.80 -20.01
N VAL A 139 0.01 10.12 -19.94
CA VAL A 139 -0.69 10.85 -21.00
C VAL A 139 -0.07 10.52 -22.39
N LYS A 140 1.26 10.62 -22.50
CA LYS A 140 1.96 10.30 -23.76
C LYS A 140 1.84 8.82 -24.14
N TRP A 141 1.78 7.95 -23.14
CA TRP A 141 1.63 6.52 -23.36
C TRP A 141 0.30 6.25 -24.06
N TYR A 142 -0.76 6.93 -23.63
CA TYR A 142 -2.06 6.80 -24.31
C TYR A 142 -2.06 7.49 -25.66
N GLU A 143 -1.48 8.68 -25.73
CA GLU A 143 -1.41 9.40 -27.01
C GLU A 143 -0.73 8.57 -28.10
N GLU A 144 0.31 7.82 -27.71
CA GLU A 144 1.05 6.95 -28.64
C GLU A 144 0.14 5.88 -29.24
N ARG A 145 -0.92 5.51 -28.50
CA ARG A 145 -1.80 4.41 -28.85
C ARG A 145 -3.12 4.88 -29.49
N GLY A 146 -3.19 6.14 -29.87
CA GLY A 146 -4.35 6.64 -30.60
C GLY A 146 -5.36 7.42 -29.77
N TYR A 147 -5.07 7.64 -28.48
CA TYR A 147 -5.98 8.39 -27.60
C TYR A 147 -5.75 9.88 -27.65
N LYS A 148 -6.85 10.64 -27.65
CA LYS A 148 -6.79 12.09 -27.69
C LYS A 148 -7.63 12.68 -26.56
N ALA A 149 -7.10 13.72 -25.93
CA ALA A 149 -7.83 14.42 -24.84
C ALA A 149 -9.08 15.10 -25.42
N ARG A 150 -10.25 14.73 -24.90
CA ARG A 150 -11.54 15.30 -25.34
C ARG A 150 -12.13 16.28 -24.29
N ALA A 151 -11.79 16.09 -23.03
CA ALA A 151 -12.37 16.88 -21.98
C ALA A 151 -11.48 16.97 -20.77
N LEU A 152 -11.82 17.91 -19.89
CA LEU A 152 -11.07 18.15 -18.67
C LEU A 152 -11.94 17.88 -17.47
N ILE A 153 -11.36 17.25 -16.45
CA ILE A 153 -12.01 17.12 -15.16
C ILE A 153 -11.50 18.30 -14.33
N MET A 154 -12.40 19.25 -14.11
CA MET A 154 -12.07 20.48 -13.34
C MET A 154 -12.50 20.30 -11.88
N GLU A 155 -11.69 20.80 -10.95
CA GLU A 155 -11.99 20.63 -9.54
C GLU A 155 -11.73 21.91 -8.79
N LYS A 156 -12.62 22.21 -7.84
CA LYS A 156 -12.47 23.37 -6.95
C LYS A 156 -12.59 22.87 -5.52
N PRO A 157 -11.60 23.14 -4.67
CA PRO A 157 -11.69 22.75 -3.28
C PRO A 157 -12.67 23.64 -2.54
N ILE A 158 -13.43 23.06 -1.60
CA ILE A 158 -14.33 23.85 -0.77
C ILE A 158 -14.24 23.45 0.70
N GLU B 10 -2.82 18.17 16.22
CA GLU B 10 -2.75 17.94 17.69
C GLU B 10 -3.06 16.47 18.00
N TYR B 11 -2.31 15.89 18.94
CA TYR B 11 -2.37 14.45 19.17
C TYR B 11 -1.98 14.05 20.60
N THR B 12 -2.40 12.87 21.01
CA THR B 12 -1.97 12.29 22.27
C THR B 12 -1.38 10.92 22.03
N ILE B 13 -0.49 10.49 22.93
CA ILE B 13 0.10 9.17 22.85
C ILE B 13 -0.40 8.33 24.00
N VAL B 14 -1.06 7.24 23.65
CA VAL B 14 -1.69 6.35 24.61
C VAL B 14 -1.42 4.90 24.26
N ASP B 15 -1.84 3.99 25.15
CA ASP B 15 -1.71 2.56 24.88
C ASP B 15 -2.49 2.21 23.61
N GLY B 16 -1.89 1.38 22.75
CA GLY B 16 -2.48 1.04 21.46
C GLY B 16 -3.01 -0.39 21.33
N GLU B 17 -3.25 -1.08 22.44
CA GLU B 17 -3.72 -2.48 22.38
C GLU B 17 -5.01 -2.62 21.54
N GLU B 18 -5.91 -1.65 21.64
CA GLU B 18 -7.19 -1.73 20.92
C GLU B 18 -7.04 -1.38 19.45
N TYR B 19 -5.83 -0.96 19.05
CA TYR B 19 -5.56 -0.49 17.69
C TYR B 19 -4.69 -1.49 16.89
N ILE B 20 -4.42 -2.67 17.48
CA ILE B 20 -3.52 -3.65 16.82
C ILE B 20 -3.92 -3.96 15.38
N GLU B 21 -5.21 -4.14 15.11
CA GLU B 21 -5.66 -4.45 13.76
C GLU B 21 -5.34 -3.33 12.80
N GLU B 22 -5.63 -2.10 13.22
CA GLU B 22 -5.36 -0.92 12.39
C GLU B 22 -3.85 -0.78 12.16
N ILE B 23 -3.08 -0.99 13.23
CA ILE B 23 -1.62 -0.97 13.14
C ILE B 23 -1.15 -2.02 12.12
N LYS B 24 -1.71 -3.22 12.18
CA LYS B 24 -1.30 -4.32 11.29
C LYS B 24 -1.55 -3.93 9.84
N LYS B 25 -2.70 -3.34 9.60
CA LYS B 25 -3.11 -2.94 8.26
C LYS B 25 -2.25 -1.80 7.73
N LEU B 26 -1.94 -0.83 8.59
CA LEU B 26 -1.06 0.30 8.19
C LEU B 26 0.36 -0.19 7.91
N ASP B 27 0.84 -1.10 8.75
CA ASP B 27 2.17 -1.68 8.55
C ASP B 27 2.25 -2.42 7.22
N ARG B 28 1.20 -3.16 6.89
CA ARG B 28 1.12 -3.92 5.65
C ARG B 28 1.21 -2.98 4.45
N GLU B 29 0.53 -1.84 4.56
CA GLU B 29 0.49 -0.88 3.46
C GLU B 29 1.85 -0.28 3.27
N ILE B 30 2.44 0.20 4.37
CA ILE B 30 3.72 0.87 4.37
C ILE B 30 4.85 -0.06 3.94
N SER B 31 4.87 -1.28 4.49
CA SER B 31 6.02 -2.16 4.29
C SER B 31 6.19 -2.67 2.85
N TYR B 32 5.11 -2.72 2.10
CA TYR B 32 5.15 -3.30 0.76
C TYR B 32 6.12 -2.60 -0.19
N SER B 33 6.29 -1.29 -0.03
CA SER B 33 7.14 -0.52 -0.94
C SER B 33 8.63 -0.88 -0.79
N PHE B 34 9.02 -1.48 0.34
CA PHE B 34 10.40 -1.89 0.59
C PHE B 34 10.75 -3.35 0.21
N VAL B 35 9.79 -4.10 -0.31
CA VAL B 35 10.03 -5.51 -0.64
C VAL B 35 10.84 -5.58 -1.94
N ARG B 36 11.96 -6.32 -1.91
CA ARG B 36 12.86 -6.46 -3.08
C ARG B 36 12.69 -7.77 -3.89
N PHE B 37 11.66 -8.56 -3.60
CA PHE B 37 11.45 -9.84 -4.34
C PHE B 37 10.15 -9.82 -5.11
N PRO B 38 10.12 -10.43 -6.29
CA PRO B 38 8.96 -10.35 -7.16
C PRO B 38 7.83 -11.30 -6.71
N ILE B 39 7.25 -11.00 -5.54
CA ILE B 39 6.15 -11.78 -5.00
C ILE B 39 4.85 -11.07 -5.31
N SER B 40 3.77 -11.84 -5.42
CA SER B 40 2.46 -11.28 -5.69
C SER B 40 2.02 -10.51 -4.46
N TYR B 41 1.14 -9.54 -4.65
CA TYR B 41 0.60 -8.82 -3.51
C TYR B 41 -0.17 -9.78 -2.61
N GLU B 42 -0.83 -10.75 -3.23
CA GLU B 42 -1.52 -11.79 -2.50
C GLU B 42 -0.56 -12.61 -1.61
N GLU B 43 0.58 -13.00 -2.17
CA GLU B 43 1.64 -13.71 -1.43
C GLU B 43 2.21 -12.82 -0.31
N TYR B 44 2.42 -11.55 -0.63
CA TYR B 44 2.89 -10.59 0.37
C TYR B 44 1.91 -10.48 1.54
N GLU B 45 0.62 -10.30 1.24
CA GLU B 45 -0.39 -10.18 2.30
C GLU B 45 -0.36 -11.33 3.27
N GLU B 46 -0.29 -12.55 2.74
CA GLU B 46 -0.34 -13.74 3.60
C GLU B 46 0.90 -13.85 4.46
N ARG B 47 2.05 -13.55 3.87
CA ARG B 47 3.32 -13.62 4.58
C ARG B 47 3.43 -12.52 5.62
N HIS B 48 2.98 -11.32 5.26
CA HIS B 48 2.93 -10.23 6.22
C HIS B 48 2.08 -10.59 7.42
N GLU B 49 0.87 -11.14 7.17
CA GLU B 49 -0.03 -11.59 8.23
C GLU B 49 0.67 -12.59 9.13
N GLU B 50 1.28 -13.60 8.51
CA GLU B 50 1.99 -14.67 9.22
C GLU B 50 3.12 -14.17 10.15
N LEU B 51 3.96 -13.33 9.60
CA LEU B 51 5.09 -12.80 10.32
C LEU B 51 4.60 -11.93 11.45
N PHE B 52 3.60 -11.07 11.18
CA PHE B 52 3.09 -10.13 12.18
C PHE B 52 2.55 -10.88 13.37
N GLU B 53 1.73 -11.90 13.11
CA GLU B 53 1.16 -12.67 14.22
C GLU B 53 2.24 -13.43 14.94
N SER B 54 3.21 -13.96 14.16
CA SER B 54 4.33 -14.73 14.71
C SER B 54 5.11 -13.88 15.72
N LEU B 55 5.46 -12.66 15.33
CA LEU B 55 6.17 -11.76 16.23
C LEU B 55 5.32 -11.39 17.44
N LEU B 56 4.03 -11.22 17.22
CA LEU B 56 3.12 -10.83 18.30
C LEU B 56 2.84 -11.97 19.30
N SER B 57 3.03 -13.23 18.87
CA SER B 57 2.52 -14.39 19.64
C SER B 57 3.21 -14.69 21.00
N GLN B 58 4.51 -14.47 21.08
CA GLN B 58 5.28 -14.72 22.31
C GLN B 58 5.86 -13.42 22.85
N GLY B 59 6.01 -13.35 24.17
CA GLY B 59 6.74 -12.24 24.79
C GLY B 59 5.87 -11.08 25.25
N GLU B 60 6.53 -10.10 25.86
CA GLU B 60 5.87 -8.98 26.49
C GLU B 60 5.87 -7.84 25.47
N HIS B 61 4.71 -7.54 24.90
CA HIS B 61 4.61 -6.49 23.88
C HIS B 61 3.88 -5.29 24.40
N LYS B 62 4.24 -4.13 23.86
CA LYS B 62 3.59 -2.89 24.16
C LYS B 62 3.45 -2.09 22.87
N PHE B 63 2.24 -1.59 22.62
CA PHE B 63 2.00 -0.64 21.54
C PHE B 63 1.68 0.72 22.13
N PHE B 64 2.32 1.77 21.60
CA PHE B 64 1.85 3.13 21.80
C PHE B 64 1.36 3.65 20.48
N VAL B 65 0.24 4.36 20.52
CA VAL B 65 -0.31 5.01 19.35
C VAL B 65 -0.48 6.50 19.58
N ALA B 66 -0.22 7.25 18.52
CA ALA B 66 -0.48 8.69 18.48
C ALA B 66 -1.84 8.86 17.82
N LEU B 67 -2.77 9.50 18.53
CA LEU B 67 -4.14 9.70 18.04
C LEU B 67 -4.49 11.17 17.98
N ASN B 68 -5.28 11.56 16.98
CA ASN B 68 -5.81 12.94 16.90
C ASN B 68 -7.07 13.11 17.77
N GLU B 69 -7.69 14.29 17.72
CA GLU B 69 -8.92 14.56 18.49
C GLU B 69 -10.06 13.60 18.17
N ARG B 70 -10.12 13.14 16.91
CA ARG B 70 -11.11 12.14 16.49
C ARG B 70 -10.71 10.69 16.79
N SER B 71 -9.64 10.52 17.58
CA SER B 71 -9.10 9.19 17.92
C SER B 71 -8.60 8.39 16.70
N GLU B 72 -8.28 9.10 15.61
CA GLU B 72 -7.74 8.46 14.40
C GLU B 72 -6.24 8.19 14.59
N LEU B 73 -5.76 7.14 13.94
CA LEU B 73 -4.38 6.67 14.13
C LEU B 73 -3.39 7.47 13.26
N LEU B 74 -2.48 8.20 13.93
CA LEU B 74 -1.44 8.99 13.29
C LEU B 74 -0.09 8.25 13.22
N GLY B 75 0.16 7.38 14.17
CA GLY B 75 1.35 6.53 14.13
C GLY B 75 1.40 5.60 15.31
N HIS B 76 2.41 4.75 15.34
CA HIS B 76 2.57 3.83 16.45
C HIS B 76 4.01 3.42 16.65
N VAL B 77 4.32 2.93 17.84
CA VAL B 77 5.55 2.21 18.10
C VAL B 77 5.20 0.84 18.70
N TRP B 78 5.92 -0.19 18.24
CA TRP B 78 5.77 -1.55 18.72
C TRP B 78 7.04 -1.98 19.44
N ILE B 79 6.91 -2.18 20.76
CA ILE B 79 8.01 -2.56 21.65
C ILE B 79 7.82 -3.98 22.14
N CYS B 80 8.93 -4.71 22.27
CA CYS B 80 8.97 -6.05 22.84
C CYS B 80 10.10 -6.10 23.87
N ILE B 81 9.78 -6.44 25.11
CA ILE B 81 10.77 -6.67 26.14
C ILE B 81 11.33 -8.07 25.97
N THR B 82 12.64 -8.20 25.94
CA THR B 82 13.24 -9.49 25.72
C THR B 82 14.65 -9.53 26.31
N LEU B 83 15.38 -10.61 26.05
CA LEU B 83 16.79 -10.70 26.46
C LEU B 83 17.71 -10.41 25.30
N ASP B 84 18.78 -9.67 25.58
CA ASP B 84 19.85 -9.43 24.61
C ASP B 84 20.61 -10.73 24.30
N THR B 85 20.82 -11.04 23.01
CA THR B 85 21.48 -12.29 22.63
C THR B 85 23.00 -12.25 22.78
N VAL B 86 23.56 -11.08 23.10
CA VAL B 86 24.99 -10.95 23.37
C VAL B 86 25.23 -10.66 24.87
N ASP B 87 24.46 -9.72 25.42
CA ASP B 87 24.63 -9.29 26.83
C ASP B 87 23.78 -10.01 27.86
N TYR B 88 22.76 -10.74 27.43
CA TYR B 88 21.90 -11.47 28.35
C TYR B 88 21.34 -10.57 29.48
N VAL B 89 20.94 -9.37 29.10
CA VAL B 89 20.22 -8.48 29.99
C VAL B 89 18.88 -8.16 29.36
N LYS B 90 17.95 -7.73 30.20
CA LYS B 90 16.64 -7.26 29.75
C LYS B 90 16.82 -6.08 28.79
N ILE B 91 16.16 -6.14 27.64
CA ILE B 91 16.19 -5.01 26.67
C ILE B 91 14.81 -4.77 26.13
N ALA B 92 14.60 -3.61 25.51
CA ALA B 92 13.36 -3.34 24.79
C ALA B 92 13.73 -3.28 23.32
N TYR B 93 13.15 -4.17 22.53
CA TYR B 93 13.40 -4.21 21.11
C TYR B 93 12.24 -3.48 20.39
N ILE B 94 12.55 -2.51 19.54
CA ILE B 94 11.51 -1.81 18.81
C ILE B 94 11.33 -2.49 17.47
N TYR B 95 10.17 -3.10 17.24
CA TYR B 95 9.90 -3.74 15.96
C TYR B 95 9.67 -2.71 14.89
N ASP B 96 8.88 -1.70 15.19
CA ASP B 96 8.81 -0.57 14.27
C ASP B 96 8.22 0.67 14.89
N ILE B 97 8.39 1.76 14.16
CA ILE B 97 7.80 3.05 14.47
C ILE B 97 7.33 3.50 13.12
N GLU B 98 6.04 3.78 12.98
CA GLU B 98 5.45 4.19 11.71
C GLU B 98 4.51 5.35 11.93
N VAL B 99 4.55 6.32 11.01
CA VAL B 99 3.71 7.53 11.09
C VAL B 99 3.03 7.71 9.74
N VAL B 100 1.74 8.03 9.78
CA VAL B 100 0.96 8.19 8.55
C VAL B 100 1.60 9.29 7.71
N LYS B 101 1.58 9.11 6.40
CA LYS B 101 2.42 9.91 5.53
C LYS B 101 2.14 11.39 5.67
N TRP B 102 0.87 11.75 5.86
CA TRP B 102 0.47 13.15 5.92
C TRP B 102 0.74 13.79 7.28
N ALA B 103 1.05 12.96 8.28
CA ALA B 103 1.33 13.45 9.64
C ALA B 103 2.83 13.54 9.93
N ARG B 104 3.65 13.10 8.98
CA ARG B 104 5.10 13.20 9.12
C ARG B 104 5.47 14.70 9.14
N GLY B 105 6.56 15.04 9.84
CA GLY B 105 6.95 16.45 10.03
C GLY B 105 6.43 17.12 11.31
N LEU B 106 5.53 16.44 12.04
CA LEU B 106 4.94 16.98 13.26
C LEU B 106 5.69 16.56 14.53
N GLY B 107 6.81 15.86 14.36
CA GLY B 107 7.54 15.29 15.50
C GLY B 107 6.90 14.07 16.20
N ILE B 108 5.92 13.45 15.55
CA ILE B 108 5.23 12.31 16.14
C ILE B 108 6.15 11.08 16.34
N GLY B 109 6.98 10.76 15.35
CA GLY B 109 7.90 9.60 15.46
C GLY B 109 8.85 9.75 16.64
N SER B 110 9.41 10.94 16.76
CA SER B 110 10.31 11.26 17.87
C SER B 110 9.61 11.13 19.22
N ALA B 111 8.37 11.63 19.29
CA ALA B 111 7.57 11.56 20.51
C ALA B 111 7.24 10.10 20.91
N LEU B 112 6.93 9.28 19.90
CA LEU B 112 6.63 7.86 20.13
C LEU B 112 7.86 7.14 20.65
N LEU B 113 9.03 7.49 20.10
CA LEU B 113 10.28 6.89 20.52
C LEU B 113 10.62 7.23 21.98
N ARG B 114 10.42 8.50 22.36
CA ARG B 114 10.65 8.93 23.75
C ARG B 114 9.76 8.17 24.71
N LYS B 115 8.49 8.02 24.32
CA LYS B 115 7.51 7.28 25.09
C LYS B 115 7.95 5.82 25.28
N ALA B 116 8.38 5.20 24.20
CA ALA B 116 8.90 3.84 24.24
C ALA B 116 10.09 3.75 25.17
N GLU B 117 11.02 4.70 25.02
CA GLU B 117 12.23 4.73 25.85
C GLU B 117 11.88 4.86 27.33
N GLU B 118 10.89 5.68 27.63
CA GLU B 118 10.42 5.85 29.00
C GLU B 118 9.76 4.61 29.54
N TRP B 119 8.94 3.95 28.73
CA TRP B 119 8.27 2.72 29.16
C TRP B 119 9.30 1.60 29.38
N ALA B 120 10.26 1.48 28.47
CA ALA B 120 11.37 0.54 28.62
C ALA B 120 12.10 0.69 29.94
N LYS B 121 12.44 1.93 30.30
CA LYS B 121 13.15 2.17 31.58
C LYS B 121 12.27 1.74 32.76
N GLU B 122 11.01 2.14 32.72
CA GLU B 122 10.05 1.74 33.76
C GLU B 122 9.95 0.22 33.92
N ARG B 123 10.06 -0.52 32.80
CA ARG B 123 10.03 -1.99 32.85
C ARG B 123 11.36 -2.63 33.20
N GLY B 124 12.39 -1.81 33.44
CA GLY B 124 13.70 -2.31 33.86
C GLY B 124 14.64 -2.71 32.74
N ALA B 125 14.33 -2.33 31.50
CA ALA B 125 15.23 -2.58 30.36
C ALA B 125 16.52 -1.80 30.49
N LYS B 126 17.62 -2.41 30.03
CA LYS B 126 18.95 -1.83 30.10
C LYS B 126 19.39 -1.19 28.79
N LYS B 127 18.69 -1.51 27.70
CA LYS B 127 18.97 -0.94 26.39
C LYS B 127 17.67 -0.85 25.61
N ILE B 128 17.60 0.09 24.67
CA ILE B 128 16.65 -0.03 23.55
C ILE B 128 17.45 -0.53 22.38
N VAL B 129 16.87 -1.47 21.63
CA VAL B 129 17.51 -2.06 20.48
C VAL B 129 16.54 -2.03 19.26
N LEU B 130 17.07 -1.74 18.07
CA LEU B 130 16.25 -1.79 16.86
C LEU B 130 17.10 -2.06 15.63
N ARG B 131 16.43 -2.41 14.54
CA ARG B 131 17.08 -2.66 13.26
C ARG B 131 16.81 -1.47 12.36
N VAL B 132 17.86 -0.95 11.72
CA VAL B 132 17.72 0.10 10.73
C VAL B 132 18.43 -0.33 9.45
N GLU B 133 17.75 -0.18 8.31
CA GLU B 133 18.33 -0.56 7.05
C GLU B 133 19.53 0.33 6.74
N ILE B 134 20.58 -0.27 6.22
CA ILE B 134 21.87 0.40 6.09
C ILE B 134 21.80 1.58 5.07
N ASP B 135 20.89 1.46 4.10
CA ASP B 135 20.68 2.51 3.09
C ASP B 135 19.73 3.63 3.57
N ASN B 136 19.10 3.43 4.74
CA ASN B 136 18.09 4.34 5.21
C ASN B 136 18.74 5.57 5.84
N PRO B 137 18.42 6.79 5.37
CA PRO B 137 18.94 8.03 5.99
C PRO B 137 18.53 8.22 7.48
N ALA B 138 17.55 7.46 7.94
CA ALA B 138 17.16 7.45 9.36
C ALA B 138 18.28 6.97 10.31
N VAL B 139 19.33 6.33 9.79
CA VAL B 139 20.44 5.90 10.64
C VAL B 139 20.98 7.10 11.42
N LYS B 140 21.14 8.22 10.72
CA LYS B 140 21.67 9.46 11.30
C LYS B 140 20.71 10.03 12.36
N TRP B 141 19.42 9.91 12.10
CA TRP B 141 18.35 10.33 13.02
C TRP B 141 18.47 9.61 14.37
N TYR B 142 18.70 8.29 14.31
CA TYR B 142 18.88 7.48 15.53
C TYR B 142 20.20 7.79 16.25
N GLU B 143 21.27 7.90 15.48
CA GLU B 143 22.55 8.32 16.03
C GLU B 143 22.43 9.65 16.79
N GLU B 144 21.68 10.60 16.26
CA GLU B 144 21.49 11.89 16.94
C GLU B 144 20.77 11.70 18.28
N ARG B 145 19.96 10.64 18.37
CA ARG B 145 19.21 10.32 19.58
C ARG B 145 19.90 9.31 20.50
N GLY B 146 21.17 9.05 20.26
CA GLY B 146 21.99 8.28 21.18
C GLY B 146 22.10 6.80 20.85
N TYR B 147 21.59 6.41 19.68
CA TYR B 147 21.73 5.02 19.20
C TYR B 147 23.03 4.83 18.44
N LYS B 148 23.73 3.74 18.75
CA LYS B 148 24.97 3.39 18.09
C LYS B 148 24.86 1.98 17.50
N ALA B 149 25.41 1.81 16.30
CA ALA B 149 25.40 0.49 15.63
C ALA B 149 26.30 -0.45 16.39
N ARG B 150 25.75 -1.56 16.83
CA ARG B 150 26.51 -2.57 17.53
C ARG B 150 26.78 -3.77 16.65
N ALA B 151 25.89 -4.03 15.69
CA ALA B 151 26.01 -5.23 14.88
C ALA B 151 25.45 -5.01 13.48
N LEU B 152 25.80 -5.96 12.61
CA LEU B 152 25.36 -5.96 11.24
C LEU B 152 24.48 -7.18 11.00
N ILE B 153 23.43 -6.97 10.23
CA ILE B 153 22.66 -8.07 9.70
C ILE B 153 23.21 -8.30 8.30
N MET B 154 23.83 -9.45 8.11
CA MET B 154 24.45 -9.83 6.86
C MET B 154 23.53 -10.80 6.12
N GLU B 155 23.49 -10.70 4.80
CA GLU B 155 22.64 -11.56 3.99
C GLU B 155 23.35 -12.05 2.75
N LYS B 156 23.05 -13.28 2.38
CA LYS B 156 23.51 -13.87 1.12
C LYS B 156 22.30 -14.45 0.39
N PRO B 157 22.09 -14.09 -0.88
CA PRO B 157 21.02 -14.72 -1.64
C PRO B 157 21.39 -16.17 -2.04
N ILE B 158 20.40 -17.05 -2.04
CA ILE B 158 20.60 -18.43 -2.47
C ILE B 158 19.45 -18.91 -3.33
I IOD C . 0.85 6.23 5.41
I IOD D . 2.58 -3.19 -7.30
I IOD E . -2.55 -13.61 -7.14
I IOD F . -12.18 7.02 -13.17
I IOD G . -24.20 3.04 -30.45
I IOD H . 3.31 -1.87 -17.77
I IOD I . -8.81 20.27 -5.28
I IOD J . -13.26 9.86 -30.41
I IOD K . -8.01 4.58 12.76
I IOD L . 13.10 -6.35 13.01
I IOD M . -3.33 -7.76 7.21
I IOD N . 7.70 11.22 11.72
I IOD O . 10.50 -14.76 -4.93
#